data_3A9W
#
_entry.id   3A9W
#
_cell.length_a   150.203
_cell.length_b   46.369
_cell.length_c   89.751
_cell.angle_alpha   90.00
_cell.angle_beta   113.21
_cell.angle_gamma   90.00
#
_symmetry.space_group_name_H-M   'C 1 2 1'
#
loop_
_entity.id
_entity.type
_entity.pdbx_description
1 polymer 'NDP-sugar epimerase'
2 non-polymer THREONINE
3 non-polymer NICOTINAMIDE-ADENINE-DINUCLEOTIDE
4 non-polymer (4R)-2-METHYLPENTANE-2,4-DIOL
5 non-polymer (4S)-2-METHYL-2,4-PENTANEDIOL
6 water water
#
_entity_poly.entity_id   1
_entity_poly.type   'polypeptide(L)'
_entity_poly.pdbx_seq_one_letter_code
;MILVTGSSGQIGTELVPYLAEKYGKKNVIASDIVQRDTGGIKFITLDVSNRDEIDRAVEKYSIDAIFHLAGILSAKGEKD
PALAYKVNMNGTYNILEAAKQHRVEKVVIPSTIGVFGPETPKNKVPSITITRPRTMFGVTKIAAELLGQYYYEKFGLDVR
SLRYPGIISYKAEPTAGTTDYAVEIFYYAVKREKYKCYLAPNRALPMMYMPDALKALVDLYEADRDKLVLRNGYNVTAYT
FTPSELYSKIKERIPEFEIEYKEDFRDKIAATWPESLDSSEASNEWGFSIEYDLDRTIDDMIDHISEKLGIEGKHAL
;
_entity_poly.pdbx_strand_id   A,B
#
# COMPACT_ATOMS: atom_id res chain seq x y z
N MET A 1 8.01 -7.87 28.39
CA MET A 1 6.84 -7.07 28.53
C MET A 1 6.25 -6.89 27.15
N ILE A 2 4.99 -7.22 27.04
CA ILE A 2 4.26 -7.11 25.82
C ILE A 2 3.21 -5.98 25.91
N LEU A 3 3.14 -5.13 24.90
CA LEU A 3 2.09 -4.19 24.76
C LEU A 3 1.06 -4.65 23.71
N VAL A 4 -0.20 -4.54 24.03
CA VAL A 4 -1.22 -4.74 23.06
C VAL A 4 -1.96 -3.41 22.80
N THR A 5 -2.02 -3.06 21.55
CA THR A 5 -2.64 -1.90 21.02
C THR A 5 -4.06 -2.35 20.56
N GLY A 6 -5.02 -1.47 20.70
CA GLY A 6 -6.36 -1.80 20.34
C GLY A 6 -6.93 -2.98 21.08
N SER A 7 -6.66 -3.09 22.36
CA SER A 7 -7.02 -4.29 23.08
C SER A 7 -8.51 -4.50 23.39
N SER A 8 -9.33 -3.48 23.19
CA SER A 8 -10.75 -3.54 23.56
C SER A 8 -11.66 -4.15 22.48
N GLY A 9 -11.07 -4.40 21.33
CA GLY A 9 -11.77 -4.99 20.22
C GLY A 9 -12.03 -6.48 20.27
N GLN A 10 -12.58 -7.00 19.19
CA GLN A 10 -12.90 -8.41 19.07
C GLN A 10 -11.72 -9.28 19.39
N ILE A 11 -10.58 -8.97 18.82
CA ILE A 11 -9.41 -9.77 19.03
C ILE A 11 -8.77 -9.47 20.37
N GLY A 12 -8.49 -8.20 20.64
CA GLY A 12 -7.90 -7.77 21.87
C GLY A 12 -8.56 -8.30 23.11
N THR A 13 -9.88 -8.23 23.15
CA THR A 13 -10.63 -8.75 24.27
C THR A 13 -10.21 -10.16 24.69
N GLU A 14 -9.87 -10.98 23.73
CA GLU A 14 -9.47 -12.36 24.00
C GLU A 14 -7.94 -12.54 23.98
N LEU A 15 -7.24 -11.77 23.18
CA LEU A 15 -5.80 -11.88 23.13
C LEU A 15 -5.11 -11.50 24.44
N VAL A 16 -5.58 -10.45 25.06
CA VAL A 16 -5.00 -9.98 26.28
C VAL A 16 -4.92 -11.09 27.34
N PRO A 17 -6.00 -11.76 27.66
CA PRO A 17 -5.93 -12.82 28.66
C PRO A 17 -5.23 -14.08 28.15
N TYR A 18 -5.26 -14.27 26.86
CA TYR A 18 -4.60 -15.38 26.23
C TYR A 18 -3.07 -15.21 26.43
N LEU A 19 -2.60 -14.01 26.17
CA LEU A 19 -1.22 -13.62 26.42
C LEU A 19 -0.82 -13.69 27.93
N ALA A 20 -1.68 -13.22 28.78
CA ALA A 20 -1.40 -13.24 30.20
C ALA A 20 -1.27 -14.66 30.71
N GLU A 21 -2.11 -15.53 30.21
CA GLU A 21 -2.10 -16.90 30.61
C GLU A 21 -0.80 -17.57 30.20
N LYS A 22 -0.31 -17.24 29.03
CA LYS A 22 0.88 -17.87 28.54
C LYS A 22 2.18 -17.29 29.10
N TYR A 23 2.23 -16.00 29.31
CA TYR A 23 3.43 -15.33 29.74
C TYR A 23 3.33 -14.65 31.12
N GLY A 24 2.17 -14.68 31.73
CA GLY A 24 1.98 -13.96 32.96
C GLY A 24 1.39 -12.55 32.89
N LYS A 25 0.47 -12.28 33.80
CA LYS A 25 -0.34 -11.07 33.80
C LYS A 25 0.56 -9.87 33.96
N LYS A 26 1.68 -10.04 34.64
CA LYS A 26 2.53 -8.91 34.92
C LYS A 26 3.31 -8.48 33.68
N ASN A 27 3.41 -9.38 32.74
CA ASN A 27 4.15 -9.14 31.54
C ASN A 27 3.34 -8.65 30.31
N VAL A 28 2.06 -8.37 30.51
CA VAL A 28 1.17 -7.88 29.49
C VAL A 28 0.54 -6.55 29.90
N ILE A 29 0.61 -5.55 29.01
CA ILE A 29 -0.08 -4.28 29.13
C ILE A 29 -1.17 -4.13 28.03
N ALA A 30 -2.41 -4.00 28.43
CA ALA A 30 -3.48 -3.70 27.53
C ALA A 30 -3.57 -2.22 27.30
N SER A 31 -3.82 -1.83 26.06
CA SER A 31 -4.05 -0.45 25.74
C SER A 31 -5.09 -0.22 24.62
N ASP A 32 -5.81 0.88 24.73
CA ASP A 32 -6.81 1.29 23.78
C ASP A 32 -7.22 2.77 24.01
N ILE A 33 -8.05 3.33 23.16
CA ILE A 33 -8.60 4.63 23.46
C ILE A 33 -9.90 4.46 24.26
N VAL A 34 -10.40 3.26 24.28
CA VAL A 34 -11.59 2.95 25.04
C VAL A 34 -11.23 1.86 26.01
N GLN A 35 -11.43 2.10 27.29
CA GLN A 35 -11.20 1.05 28.25
C GLN A 35 -12.33 0.07 28.40
N ARG A 36 -11.97 -1.15 28.69
CA ARG A 36 -12.90 -2.19 29.01
C ARG A 36 -12.28 -3.10 30.03
N ASP A 37 -13.10 -3.84 30.77
CA ASP A 37 -12.61 -4.70 31.81
C ASP A 37 -11.53 -5.61 31.32
N THR A 38 -10.35 -5.56 31.90
CA THR A 38 -9.32 -6.46 31.46
C THR A 38 -9.06 -7.60 32.41
N GLY A 39 -9.88 -7.69 33.45
CA GLY A 39 -9.77 -8.82 34.35
C GLY A 39 -8.46 -8.82 35.06
N GLY A 40 -8.03 -7.64 35.46
CA GLY A 40 -6.89 -7.49 36.31
C GLY A 40 -5.56 -7.33 35.61
N ILE A 41 -5.58 -7.27 34.30
CA ILE A 41 -4.38 -7.00 33.56
C ILE A 41 -4.28 -5.47 33.38
N LYS A 42 -3.09 -4.95 33.56
CA LYS A 42 -2.84 -3.52 33.43
C LYS A 42 -3.39 -2.92 32.14
N PHE A 43 -4.18 -1.87 32.25
CA PHE A 43 -4.69 -1.12 31.13
C PHE A 43 -4.20 0.33 31.15
N ILE A 44 -3.69 0.80 30.03
CA ILE A 44 -3.35 2.19 29.83
C ILE A 44 -4.06 2.77 28.62
N THR A 45 -4.48 4.01 28.72
CA THR A 45 -5.01 4.74 27.60
C THR A 45 -3.89 5.05 26.61
N LEU A 46 -4.11 4.71 25.35
CA LEU A 46 -3.15 4.96 24.30
C LEU A 46 -3.78 5.11 22.90
N ASP A 47 -3.63 6.28 22.35
CA ASP A 47 -4.06 6.63 20.99
C ASP A 47 -2.83 6.52 20.08
N VAL A 48 -2.80 5.49 19.25
CA VAL A 48 -1.68 5.19 18.36
C VAL A 48 -1.40 6.25 17.30
N SER A 49 -2.36 7.11 17.11
CA SER A 49 -2.15 8.17 16.16
C SER A 49 -1.35 9.31 16.77
N ASN A 50 -1.05 9.18 18.05
CA ASN A 50 -0.28 10.13 18.80
C ASN A 50 1.09 9.52 19.18
N ARG A 51 2.13 9.89 18.47
CA ARG A 51 3.42 9.24 18.57
C ARG A 51 3.99 9.38 19.97
N ASP A 52 3.71 10.52 20.55
CA ASP A 52 4.28 10.81 21.84
C ASP A 52 3.72 9.88 22.90
N GLU A 53 2.46 9.50 22.75
CA GLU A 53 1.83 8.55 23.64
C GLU A 53 2.49 7.17 23.54
N ILE A 54 2.70 6.68 22.35
CA ILE A 54 3.43 5.45 22.15
C ILE A 54 4.81 5.45 22.80
N ASP A 55 5.56 6.52 22.58
CA ASP A 55 6.88 6.70 23.11
C ASP A 55 6.81 6.61 24.64
N ARG A 56 5.90 7.34 25.23
CA ARG A 56 5.75 7.30 26.68
C ARG A 56 5.45 5.90 27.21
N ALA A 57 4.55 5.19 26.57
CA ALA A 57 4.18 3.84 27.00
C ALA A 57 5.35 2.90 26.89
N VAL A 58 5.96 2.89 25.73
CA VAL A 58 7.09 2.04 25.50
C VAL A 58 8.25 2.29 26.50
N GLU A 59 8.55 3.56 26.76
CA GLU A 59 9.53 4.00 27.72
C GLU A 59 9.15 3.49 29.12
N LYS A 60 8.00 3.86 29.61
CA LYS A 60 7.59 3.54 30.97
C LYS A 60 7.63 2.05 31.32
N TYR A 61 7.20 1.22 30.39
CA TYR A 61 6.97 -0.17 30.62
C TYR A 61 8.00 -1.09 29.96
N SER A 62 9.08 -0.51 29.46
CA SER A 62 10.16 -1.26 28.88
C SER A 62 9.64 -2.37 27.93
N ILE A 63 8.79 -1.96 27.03
CA ILE A 63 8.13 -2.85 26.13
C ILE A 63 9.14 -3.60 25.24
N ASP A 64 8.97 -4.90 25.17
CA ASP A 64 9.77 -5.79 24.34
C ASP A 64 9.07 -6.27 23.05
N ALA A 65 7.75 -6.21 23.02
CA ALA A 65 7.00 -6.72 21.91
C ALA A 65 5.69 -6.02 21.85
N ILE A 66 5.21 -5.77 20.65
CA ILE A 66 3.96 -5.11 20.44
C ILE A 66 3.10 -5.92 19.48
N PHE A 67 1.92 -6.22 19.94
CA PHE A 67 0.86 -6.75 19.13
C PHE A 67 -0.01 -5.56 18.79
N HIS A 68 0.13 -5.09 17.59
CA HIS A 68 -0.50 -3.89 17.17
C HIS A 68 -1.85 -4.17 16.51
N LEU A 69 -2.90 -4.17 17.31
CA LEU A 69 -4.25 -4.44 16.84
C LEU A 69 -5.11 -3.23 16.55
N ALA A 70 -4.65 -2.08 16.97
CA ALA A 70 -5.41 -0.86 16.84
C ALA A 70 -5.72 -0.57 15.39
N GLY A 71 -6.98 -0.27 15.14
CA GLY A 71 -7.42 0.11 13.83
C GLY A 71 -8.91 0.09 13.55
N ILE A 72 -9.23 0.69 12.42
CA ILE A 72 -10.58 0.78 11.91
C ILE A 72 -10.74 -0.27 10.83
N LEU A 73 -11.78 -1.04 10.93
CA LEU A 73 -12.03 -2.16 10.05
C LEU A 73 -12.76 -1.75 8.74
N SER A 74 -13.10 -2.70 7.90
CA SER A 74 -13.51 -2.43 6.54
C SER A 74 -14.76 -1.53 6.45
N ALA A 75 -15.80 -1.92 7.15
CA ALA A 75 -17.09 -1.22 7.11
C ALA A 75 -17.07 0.17 7.72
N LYS A 76 -16.69 0.24 8.97
CA LYS A 76 -16.48 1.49 9.63
C LYS A 76 -15.57 2.39 8.78
N GLY A 77 -14.55 1.78 8.21
CA GLY A 77 -13.61 2.48 7.35
C GLY A 77 -14.24 3.16 6.13
N GLU A 78 -15.23 2.52 5.55
CA GLU A 78 -15.93 3.11 4.41
C GLU A 78 -16.88 4.22 4.81
N LYS A 79 -17.36 4.18 6.03
CA LYS A 79 -18.12 5.29 6.55
C LYS A 79 -17.31 6.52 6.89
N ASP A 80 -16.03 6.31 7.19
CA ASP A 80 -15.14 7.39 7.60
C ASP A 80 -13.70 7.09 7.17
N PRO A 81 -13.42 7.22 5.88
CA PRO A 81 -12.12 6.87 5.34
C PRO A 81 -11.04 7.71 5.96
N ALA A 82 -11.37 8.92 6.37
CA ALA A 82 -10.37 9.78 6.95
C ALA A 82 -9.94 9.28 8.32
N LEU A 83 -10.87 8.78 9.08
CA LEU A 83 -10.53 8.20 10.35
C LEU A 83 -9.65 6.96 10.14
N ALA A 84 -10.04 6.13 9.19
CA ALA A 84 -9.31 4.91 8.92
C ALA A 84 -7.87 5.21 8.52
N TYR A 85 -7.68 6.22 7.70
CA TYR A 85 -6.38 6.61 7.28
C TYR A 85 -5.55 7.04 8.45
N LYS A 86 -6.07 7.93 9.25
CA LYS A 86 -5.31 8.46 10.35
C LYS A 86 -4.92 7.37 11.35
N VAL A 87 -5.85 6.52 11.70
CA VAL A 87 -5.59 5.51 12.69
C VAL A 87 -4.68 4.38 12.12
N ASN A 88 -5.05 3.88 10.96
CA ASN A 88 -4.45 2.70 10.42
C ASN A 88 -3.06 3.04 9.87
N MET A 89 -3.03 4.07 9.04
CA MET A 89 -1.84 4.42 8.34
C MET A 89 -0.86 5.13 9.30
N ASN A 90 -1.22 6.28 9.80
CA ASN A 90 -0.29 6.95 10.67
C ASN A 90 -0.04 6.27 12.04
N GLY A 91 -1.03 5.61 12.57
CA GLY A 91 -0.86 4.77 13.72
C GLY A 91 0.17 3.66 13.55
N THR A 92 0.13 2.98 12.43
CA THR A 92 1.07 1.91 12.16
C THR A 92 2.48 2.48 11.96
N TYR A 93 2.59 3.55 11.20
CA TYR A 93 3.88 4.20 11.06
C TYR A 93 4.48 4.57 12.42
N ASN A 94 3.68 5.23 13.25
CA ASN A 94 4.05 5.60 14.59
C ASN A 94 4.57 4.41 15.42
N ILE A 95 3.84 3.32 15.40
CA ILE A 95 4.23 2.12 16.09
C ILE A 95 5.58 1.59 15.58
N LEU A 96 5.70 1.47 14.28
CA LEU A 96 6.95 1.00 13.68
C LEU A 96 8.17 1.86 14.05
N GLU A 97 8.01 3.15 13.88
CA GLU A 97 9.03 4.09 14.21
C GLU A 97 9.37 4.14 15.69
N ALA A 98 8.39 4.12 16.55
CA ALA A 98 8.63 4.02 17.97
C ALA A 98 9.36 2.74 18.33
N ALA A 99 8.95 1.62 17.77
CA ALA A 99 9.59 0.38 18.12
C ALA A 99 11.03 0.41 17.70
N LYS A 100 11.27 0.89 16.51
CA LYS A 100 12.60 1.02 16.00
C LYS A 100 13.52 1.89 16.86
N GLN A 101 13.00 3.02 17.30
CA GLN A 101 13.75 3.99 18.02
C GLN A 101 13.99 3.55 19.43
N HIS A 102 13.11 2.73 19.94
CA HIS A 102 13.21 2.19 21.25
C HIS A 102 13.76 0.78 21.14
N ARG A 103 13.84 0.02 22.17
CA ARG A 103 14.31 -1.28 21.78
C ARG A 103 13.35 -2.41 21.92
N VAL A 104 12.33 -2.29 21.10
CA VAL A 104 11.30 -3.23 21.01
C VAL A 104 11.80 -4.32 20.07
N GLU A 105 11.85 -5.57 20.52
CA GLU A 105 12.40 -6.65 19.73
C GLU A 105 11.48 -7.10 18.57
N LYS A 106 10.20 -7.20 18.85
CA LYS A 106 9.24 -7.66 17.88
C LYS A 106 7.94 -6.82 17.82
N VAL A 107 7.43 -6.69 16.62
CA VAL A 107 6.11 -6.18 16.36
C VAL A 107 5.28 -7.17 15.54
N VAL A 108 4.09 -7.49 15.96
CA VAL A 108 3.20 -8.38 15.23
C VAL A 108 2.01 -7.59 14.84
N ILE A 109 1.61 -7.71 13.61
CA ILE A 109 0.53 -6.95 13.05
C ILE A 109 -0.49 -7.94 12.38
N PRO A 110 -1.76 -7.86 12.77
CA PRO A 110 -2.77 -8.65 12.08
C PRO A 110 -3.23 -7.92 10.83
N SER A 111 -2.89 -8.44 9.69
CA SER A 111 -3.44 -7.97 8.44
C SER A 111 -4.73 -8.76 8.06
N THR A 112 -5.14 -8.66 6.80
CA THR A 112 -6.46 -9.05 6.41
C THR A 112 -6.62 -9.44 4.94
N ILE A 113 -7.60 -10.29 4.68
CA ILE A 113 -8.08 -10.51 3.33
C ILE A 113 -8.49 -9.16 2.66
N GLY A 114 -8.70 -8.12 3.45
CA GLY A 114 -8.97 -6.80 2.93
C GLY A 114 -7.88 -6.23 2.01
N VAL A 115 -6.71 -6.85 2.03
CA VAL A 115 -5.62 -6.43 1.15
C VAL A 115 -5.82 -6.83 -0.32
N PHE A 116 -6.79 -7.69 -0.54
CA PHE A 116 -7.12 -8.19 -1.86
C PHE A 116 -8.25 -7.37 -2.59
N GLY A 117 -8.31 -7.54 -3.90
CA GLY A 117 -9.26 -6.83 -4.74
C GLY A 117 -9.84 -7.69 -5.85
N PRO A 118 -10.68 -7.13 -6.72
CA PRO A 118 -11.36 -7.88 -7.77
C PRO A 118 -10.45 -8.70 -8.61
N GLU A 119 -9.23 -8.23 -8.78
CA GLU A 119 -8.25 -8.87 -9.65
C GLU A 119 -7.57 -10.09 -9.02
N THR A 120 -7.66 -10.16 -7.70
CA THR A 120 -7.10 -11.25 -6.96
C THR A 120 -7.90 -12.52 -7.26
N PRO A 121 -7.21 -13.61 -7.63
CA PRO A 121 -7.90 -14.88 -7.85
C PRO A 121 -8.82 -15.24 -6.70
N LYS A 122 -9.95 -15.84 -7.02
CA LYS A 122 -11.01 -16.13 -6.05
C LYS A 122 -10.81 -17.39 -5.22
N ASN A 123 -10.05 -18.32 -5.75
CA ASN A 123 -9.89 -19.61 -5.17
C ASN A 123 -8.47 -19.98 -4.74
N LYS A 124 -8.36 -20.39 -3.49
CA LYS A 124 -7.11 -20.82 -2.93
C LYS A 124 -5.97 -19.85 -3.21
N VAL A 125 -6.24 -18.57 -2.97
CA VAL A 125 -5.26 -17.54 -3.21
C VAL A 125 -4.00 -17.77 -2.37
N PRO A 126 -2.84 -17.70 -2.98
CA PRO A 126 -1.61 -17.77 -2.20
C PRO A 126 -1.21 -16.37 -1.70
N SER A 127 -0.18 -16.30 -0.88
CA SER A 127 0.24 -15.07 -0.23
C SER A 127 0.82 -14.00 -1.12
N ILE A 128 1.64 -14.44 -2.08
CA ILE A 128 2.22 -13.60 -3.13
C ILE A 128 1.25 -13.65 -4.28
N THR A 129 0.55 -12.55 -4.48
CA THR A 129 -0.55 -12.45 -5.42
C THR A 129 -0.87 -10.97 -5.75
N ILE A 130 -1.96 -10.74 -6.43
CA ILE A 130 -2.32 -9.40 -6.77
C ILE A 130 -2.96 -8.74 -5.56
N THR A 131 -2.58 -7.52 -5.28
CA THR A 131 -2.94 -6.87 -4.05
C THR A 131 -3.39 -5.45 -4.41
N ARG A 132 -4.64 -5.33 -4.84
CA ARG A 132 -5.21 -4.09 -5.29
C ARG A 132 -6.53 -3.76 -4.58
N PRO A 133 -6.43 -3.53 -3.28
CA PRO A 133 -7.60 -3.28 -2.45
C PRO A 133 -8.45 -2.06 -2.86
N ARG A 134 -9.78 -2.16 -2.73
CA ARG A 134 -10.73 -1.10 -3.02
C ARG A 134 -11.48 -0.45 -1.83
N THR A 135 -11.08 -0.79 -0.59
CA THR A 135 -11.51 -0.14 0.63
C THR A 135 -10.36 0.62 1.23
N MET A 136 -10.65 1.72 1.91
CA MET A 136 -9.60 2.43 2.57
C MET A 136 -8.90 1.52 3.57
N PHE A 137 -9.70 0.71 4.24
CA PHE A 137 -9.19 -0.30 5.16
C PHE A 137 -8.10 -1.12 4.47
N GLY A 138 -8.47 -1.67 3.33
CA GLY A 138 -7.56 -2.51 2.59
C GLY A 138 -6.30 -1.81 2.13
N VAL A 139 -6.45 -0.59 1.67
CA VAL A 139 -5.28 0.20 1.32
C VAL A 139 -4.27 0.37 2.46
N THR A 140 -4.76 0.82 3.60
CA THR A 140 -3.93 0.94 4.81
C THR A 140 -3.22 -0.34 5.23
N LYS A 141 -3.92 -1.45 5.08
CA LYS A 141 -3.42 -2.74 5.51
C LYS A 141 -2.31 -3.31 4.65
N ILE A 142 -2.47 -3.25 3.36
CA ILE A 142 -1.40 -3.59 2.48
C ILE A 142 -0.19 -2.64 2.73
N ALA A 143 -0.45 -1.35 2.95
CA ALA A 143 0.60 -0.41 3.29
C ALA A 143 1.29 -0.89 4.54
N ALA A 144 0.51 -1.27 5.53
CA ALA A 144 1.08 -1.78 6.76
C ALA A 144 2.02 -2.97 6.55
N GLU A 145 1.60 -3.91 5.74
CA GLU A 145 2.46 -5.06 5.48
C GLU A 145 3.78 -4.66 4.80
N LEU A 146 3.66 -3.75 3.85
CA LEU A 146 4.80 -3.29 3.13
C LEU A 146 5.76 -2.51 4.03
N LEU A 147 5.20 -1.67 4.88
CA LEU A 147 6.00 -0.87 5.79
C LEU A 147 6.67 -1.80 6.80
N GLY A 148 5.93 -2.73 7.34
CA GLY A 148 6.47 -3.72 8.23
C GLY A 148 7.67 -4.49 7.63
N GLN A 149 7.49 -5.02 6.43
CA GLN A 149 8.58 -5.66 5.73
C GLN A 149 9.74 -4.69 5.53
N TYR A 150 9.46 -3.45 5.18
CA TYR A 150 10.53 -2.44 4.98
C TYR A 150 11.36 -2.23 6.28
N TYR A 151 10.65 -2.14 7.39
CA TYR A 151 11.28 -1.95 8.66
C TYR A 151 12.24 -3.11 9.00
N TYR A 152 11.87 -4.32 8.65
CA TYR A 152 12.80 -5.40 8.78
C TYR A 152 13.94 -5.22 7.81
N GLU A 153 13.65 -5.13 6.54
CA GLU A 153 14.74 -5.16 5.62
C GLU A 153 15.70 -3.93 5.76
N LYS A 154 15.13 -2.78 6.02
CA LYS A 154 15.92 -1.57 6.18
C LYS A 154 16.68 -1.45 7.53
N PHE A 155 15.99 -1.67 8.64
CA PHE A 155 16.49 -1.36 9.95
C PHE A 155 16.72 -2.58 10.83
N GLY A 156 16.31 -3.75 10.36
CA GLY A 156 16.46 -4.95 11.10
C GLY A 156 15.45 -5.21 12.21
N LEU A 157 14.40 -4.44 12.22
CA LEU A 157 13.33 -4.63 13.17
C LEU A 157 12.43 -5.83 12.82
N ASP A 158 12.27 -6.70 13.80
CA ASP A 158 11.54 -7.91 13.65
C ASP A 158 10.03 -7.65 13.60
N VAL A 159 9.53 -7.39 12.40
CA VAL A 159 8.11 -7.19 12.16
C VAL A 159 7.51 -8.37 11.38
N ARG A 160 6.40 -8.86 11.89
CA ARG A 160 5.71 -10.02 11.34
C ARG A 160 4.20 -9.76 11.16
N SER A 161 3.59 -10.34 10.15
CA SER A 161 2.13 -10.22 10.00
C SER A 161 1.50 -11.46 9.31
N LEU A 162 0.25 -11.74 9.61
CA LEU A 162 -0.50 -12.73 8.89
C LEU A 162 -1.74 -12.01 8.40
N ARG A 163 -2.45 -12.62 7.47
CA ARG A 163 -3.67 -12.07 6.93
C ARG A 163 -4.85 -12.91 7.44
N TYR A 164 -5.61 -12.36 8.36
CA TYR A 164 -6.75 -13.05 8.91
C TYR A 164 -7.93 -13.06 7.93
N PRO A 165 -8.70 -14.14 7.91
CA PRO A 165 -10.00 -14.15 7.23
C PRO A 165 -11.03 -13.55 8.20
N GLY A 166 -12.32 -13.77 8.01
CA GLY A 166 -13.25 -13.37 9.02
C GLY A 166 -13.07 -14.22 10.27
N ILE A 167 -13.19 -13.62 11.44
CA ILE A 167 -13.06 -14.36 12.68
C ILE A 167 -14.40 -14.47 13.38
N ILE A 168 -14.71 -15.67 13.82
CA ILE A 168 -15.89 -15.98 14.56
C ILE A 168 -15.52 -16.15 16.04
N SER A 169 -16.31 -15.56 16.90
CA SER A 169 -16.08 -15.49 18.33
C SER A 169 -17.38 -15.23 19.09
N TYR A 170 -17.32 -15.49 20.37
CA TYR A 170 -18.45 -15.27 21.25
C TYR A 170 -18.14 -14.39 22.44
N LYS A 171 -16.89 -14.13 22.74
CA LYS A 171 -16.60 -13.36 23.94
C LYS A 171 -16.81 -11.89 23.72
N ALA A 172 -16.39 -11.39 22.59
CA ALA A 172 -16.68 -10.03 22.23
C ALA A 172 -17.55 -9.97 20.98
N GLU A 173 -18.38 -8.92 20.92
CA GLU A 173 -19.29 -8.70 19.80
C GLU A 173 -18.70 -7.78 18.80
N PRO A 174 -18.38 -8.23 17.60
CA PRO A 174 -17.79 -7.36 16.58
C PRO A 174 -18.79 -6.33 16.09
N THR A 175 -18.34 -5.15 15.72
CA THR A 175 -19.32 -4.20 15.29
C THR A 175 -19.04 -3.58 13.93
N ALA A 176 -17.77 -3.42 13.58
CA ALA A 176 -17.36 -2.48 12.55
C ALA A 176 -16.82 -3.06 11.23
N GLY A 177 -17.23 -4.30 10.98
CA GLY A 177 -16.74 -5.07 9.86
C GLY A 177 -17.79 -5.67 8.93
N THR A 178 -17.34 -6.47 8.01
CA THR A 178 -18.08 -7.01 6.93
C THR A 178 -18.40 -8.45 7.21
N THR A 179 -17.54 -9.11 7.95
CA THR A 179 -17.71 -10.51 8.22
C THR A 179 -18.54 -10.80 9.47
N ASP A 180 -19.02 -9.79 10.12
CA ASP A 180 -19.73 -9.89 11.40
C ASP A 180 -20.98 -10.78 11.37
N TYR A 181 -21.57 -10.91 10.20
CA TYR A 181 -22.81 -11.65 10.09
C TYR A 181 -22.63 -13.04 10.67
N ALA A 182 -21.47 -13.64 10.49
CA ALA A 182 -21.22 -14.98 10.93
C ALA A 182 -21.18 -15.14 12.42
N VAL A 183 -21.05 -14.03 13.13
CA VAL A 183 -21.27 -14.00 14.55
C VAL A 183 -22.75 -13.70 14.86
N GLU A 184 -23.30 -12.68 14.24
CA GLU A 184 -24.65 -12.24 14.45
C GLU A 184 -25.69 -13.34 14.31
N ILE A 185 -25.57 -14.14 13.28
CA ILE A 185 -26.53 -15.15 12.96
C ILE A 185 -26.75 -16.11 14.15
N PHE A 186 -25.71 -16.41 14.90
CA PHE A 186 -25.85 -17.30 16.05
C PHE A 186 -26.75 -16.74 17.13
N TYR A 187 -26.70 -15.44 17.34
CA TYR A 187 -27.55 -14.84 18.35
C TYR A 187 -29.02 -15.07 17.94
N TYR A 188 -29.33 -14.83 16.70
CA TYR A 188 -30.66 -15.02 16.18
C TYR A 188 -31.10 -16.49 16.18
N ALA A 189 -30.22 -17.39 15.78
CA ALA A 189 -30.45 -18.81 15.83
C ALA A 189 -30.90 -19.29 17.21
N VAL A 190 -30.13 -18.93 18.21
CA VAL A 190 -30.33 -19.34 19.58
C VAL A 190 -31.69 -18.80 20.15
N LYS A 191 -32.08 -17.64 19.70
CA LYS A 191 -33.33 -17.04 20.02
C LYS A 191 -34.49 -17.45 19.14
N ARG A 192 -34.23 -18.33 18.20
CA ARG A 192 -35.20 -18.69 17.23
C ARG A 192 -35.88 -17.48 16.53
N GLU A 193 -35.10 -16.50 16.12
CA GLU A 193 -35.64 -15.34 15.42
C GLU A 193 -35.14 -15.28 14.00
N LYS A 194 -35.84 -14.59 13.14
CA LYS A 194 -35.46 -14.40 11.77
C LYS A 194 -34.25 -13.50 11.70
N TYR A 195 -33.20 -14.00 11.05
CA TYR A 195 -32.00 -13.20 10.82
C TYR A 195 -32.02 -12.44 9.48
N LYS A 196 -31.84 -11.14 9.54
CA LYS A 196 -31.67 -10.36 8.38
C LYS A 196 -30.19 -10.25 8.02
N CYS A 197 -29.76 -10.98 6.98
CA CYS A 197 -28.39 -11.01 6.54
C CYS A 197 -28.10 -9.93 5.51
N TYR A 198 -26.99 -9.20 5.69
CA TYR A 198 -26.61 -8.09 4.84
C TYR A 198 -25.64 -8.45 3.69
N LEU A 199 -25.26 -9.72 3.60
CA LEU A 199 -24.45 -10.27 2.54
C LEU A 199 -25.30 -11.19 1.65
N ALA A 200 -24.98 -11.27 0.36
CA ALA A 200 -25.67 -12.17 -0.54
C ALA A 200 -25.64 -13.60 -0.04
N PRO A 201 -26.70 -14.35 -0.31
CA PRO A 201 -26.83 -15.73 0.14
C PRO A 201 -25.71 -16.57 -0.34
N ASN A 202 -25.15 -16.18 -1.47
CA ASN A 202 -24.01 -16.85 -2.09
C ASN A 202 -22.56 -16.31 -1.95
N ARG A 203 -22.40 -15.40 -1.02
CA ARG A 203 -21.21 -14.63 -0.86
C ARG A 203 -20.24 -15.44 -0.01
N ALA A 204 -19.39 -16.16 -0.69
CA ALA A 204 -18.39 -17.00 -0.09
C ALA A 204 -17.22 -16.19 0.44
N LEU A 205 -16.79 -16.59 1.63
CA LEU A 205 -15.72 -15.95 2.33
C LEU A 205 -14.98 -16.94 3.19
N PRO A 206 -13.68 -16.71 3.31
CA PRO A 206 -12.87 -17.50 4.21
C PRO A 206 -13.07 -16.99 5.64
N MET A 207 -12.96 -17.91 6.58
CA MET A 207 -13.24 -17.68 7.95
C MET A 207 -12.43 -18.63 8.88
N MET A 208 -12.43 -18.27 10.16
CA MET A 208 -11.84 -19.09 11.18
C MET A 208 -12.33 -18.74 12.58
N TYR A 209 -12.23 -19.67 13.51
CA TYR A 209 -12.73 -19.56 14.85
C TYR A 209 -11.68 -18.91 15.77
N MET A 210 -12.11 -18.09 16.69
CA MET A 210 -11.17 -17.33 17.49
C MET A 210 -10.01 -18.12 18.10
N PRO A 211 -10.30 -19.27 18.70
CA PRO A 211 -9.24 -20.05 19.31
C PRO A 211 -8.03 -20.26 18.35
N ASP A 212 -8.37 -20.56 17.11
CA ASP A 212 -7.38 -20.84 16.08
C ASP A 212 -6.66 -19.52 15.69
N ALA A 213 -7.44 -18.46 15.66
CA ALA A 213 -6.93 -17.13 15.40
C ALA A 213 -5.90 -16.69 16.43
N LEU A 214 -6.19 -16.94 17.68
CA LEU A 214 -5.30 -16.53 18.75
C LEU A 214 -4.02 -17.30 18.66
N LYS A 215 -4.14 -18.61 18.64
CA LYS A 215 -2.99 -19.47 18.46
C LYS A 215 -2.10 -19.11 17.27
N ALA A 216 -2.72 -18.87 16.13
CA ALA A 216 -1.99 -18.43 14.93
C ALA A 216 -1.09 -17.18 15.21
N LEU A 217 -1.68 -16.15 15.78
CA LEU A 217 -0.92 -14.92 16.03
C LEU A 217 0.27 -15.13 17.02
N VAL A 218 0.02 -15.93 18.02
CA VAL A 218 1.00 -16.20 19.01
C VAL A 218 2.04 -17.15 18.45
N ASP A 219 1.63 -18.14 17.68
CA ASP A 219 2.58 -19.00 16.99
C ASP A 219 3.49 -18.15 16.07
N LEU A 220 2.95 -17.15 15.40
CA LEU A 220 3.76 -16.32 14.53
C LEU A 220 4.77 -15.48 15.32
N TYR A 221 4.29 -14.91 16.41
CA TYR A 221 5.13 -14.22 17.35
C TYR A 221 6.35 -15.06 17.82
N GLU A 222 6.10 -16.30 18.19
CA GLU A 222 7.10 -17.20 18.68
C GLU A 222 7.92 -17.94 17.62
N ALA A 223 7.60 -17.76 16.37
CA ALA A 223 8.23 -18.52 15.33
C ALA A 223 9.73 -18.29 15.30
N ASP A 224 10.46 -19.34 14.97
CA ASP A 224 11.88 -19.30 14.71
C ASP A 224 12.19 -18.34 13.52
N ARG A 225 13.15 -17.48 13.72
CA ARG A 225 13.56 -16.52 12.74
C ARG A 225 14.07 -17.15 11.47
N ASP A 226 14.74 -18.27 11.62
CA ASP A 226 15.42 -18.89 10.49
C ASP A 226 14.52 -19.47 9.39
N LYS A 227 13.26 -19.61 9.71
CA LYS A 227 12.27 -20.15 8.77
C LYS A 227 11.29 -19.11 8.23
N LEU A 228 11.40 -17.88 8.74
CA LEU A 228 10.51 -16.82 8.37
C LEU A 228 10.93 -16.14 7.07
N VAL A 229 10.65 -16.82 5.97
CA VAL A 229 10.96 -16.31 4.67
C VAL A 229 10.03 -15.21 4.15
N LEU A 230 8.73 -15.46 4.12
CA LEU A 230 7.75 -14.48 3.65
C LEU A 230 7.64 -13.34 4.64
N ARG A 231 7.49 -13.72 5.90
CA ARG A 231 7.58 -12.85 7.05
C ARG A 231 6.36 -11.97 7.29
N ASN A 232 5.92 -11.27 6.27
CA ASN A 232 4.72 -10.44 6.27
C ASN A 232 3.74 -10.90 5.17
N GLY A 233 2.45 -10.94 5.50
CA GLY A 233 1.45 -11.27 4.55
C GLY A 233 0.99 -12.71 4.46
N TYR A 234 1.30 -13.50 5.47
CA TYR A 234 0.87 -14.90 5.53
C TYR A 234 -0.68 -15.06 5.54
N ASN A 235 -1.21 -15.64 4.48
CA ASN A 235 -2.59 -16.01 4.42
C ASN A 235 -2.87 -17.07 5.48
N VAL A 236 -3.94 -16.90 6.24
CA VAL A 236 -4.41 -17.96 7.08
C VAL A 236 -5.93 -18.07 6.99
N THR A 237 -6.38 -19.29 7.11
CA THR A 237 -7.75 -19.64 7.00
C THR A 237 -8.06 -20.99 7.67
N ALA A 238 -9.32 -21.24 7.91
CA ALA A 238 -9.79 -22.54 8.34
C ALA A 238 -10.79 -23.17 7.35
N TYR A 239 -11.67 -22.36 6.80
CA TYR A 239 -12.79 -22.83 5.98
C TYR A 239 -13.45 -21.71 5.24
N THR A 240 -14.14 -22.05 4.16
CA THR A 240 -14.88 -21.12 3.40
C THR A 240 -16.38 -21.49 3.37
N PHE A 241 -17.24 -20.50 3.52
CA PHE A 241 -18.66 -20.71 3.39
C PHE A 241 -19.43 -19.50 2.93
N THR A 242 -20.65 -19.72 2.46
CA THR A 242 -21.58 -18.68 2.15
C THR A 242 -22.59 -18.52 3.30
N PRO A 243 -23.26 -17.38 3.37
CA PRO A 243 -24.27 -17.23 4.40
C PRO A 243 -25.33 -18.34 4.28
N SER A 244 -25.76 -18.73 3.09
CA SER A 244 -26.77 -19.77 2.94
C SER A 244 -26.27 -21.15 3.41
N GLU A 245 -25.01 -21.46 3.20
CA GLU A 245 -24.41 -22.64 3.75
C GLU A 245 -24.37 -22.62 5.29
N LEU A 246 -23.91 -21.54 5.87
CA LEU A 246 -23.82 -21.43 7.30
C LEU A 246 -25.23 -21.56 7.90
N TYR A 247 -26.16 -20.82 7.36
CA TYR A 247 -27.53 -20.92 7.86
C TYR A 247 -28.01 -22.36 7.90
N SER A 248 -27.75 -23.06 6.83
CA SER A 248 -28.21 -24.40 6.64
C SER A 248 -27.60 -25.37 7.63
N LYS A 249 -26.33 -25.21 7.90
CA LYS A 249 -25.66 -26.00 8.89
C LYS A 249 -26.13 -25.71 10.33
N ILE A 250 -26.34 -24.46 10.68
CA ILE A 250 -26.90 -24.09 11.97
C ILE A 250 -28.34 -24.68 12.15
N LYS A 251 -29.11 -24.62 11.10
CA LYS A 251 -30.44 -25.18 11.02
C LYS A 251 -30.47 -26.66 11.32
N GLU A 252 -29.41 -27.36 10.97
CA GLU A 252 -29.27 -28.73 11.36
C GLU A 252 -29.34 -28.96 12.87
N ARG A 253 -28.93 -27.97 13.65
CA ARG A 253 -28.98 -27.97 15.09
C ARG A 253 -30.30 -27.37 15.59
N ILE A 254 -30.69 -26.26 15.01
CA ILE A 254 -31.82 -25.46 15.44
C ILE A 254 -32.76 -25.22 14.28
N PRO A 255 -33.75 -26.08 14.09
CA PRO A 255 -34.56 -26.04 12.89
C PRO A 255 -35.43 -24.84 12.81
N GLU A 256 -35.73 -24.27 13.95
CA GLU A 256 -36.83 -23.37 14.04
C GLU A 256 -36.33 -21.96 13.98
N PHE A 257 -35.39 -21.69 13.10
CA PHE A 257 -35.07 -20.30 12.80
C PHE A 257 -35.00 -20.03 11.30
N GLU A 258 -34.98 -18.77 10.93
CA GLU A 258 -34.97 -18.45 9.52
C GLU A 258 -34.15 -17.21 9.13
N ILE A 259 -34.09 -16.92 7.86
CA ILE A 259 -33.19 -15.95 7.32
C ILE A 259 -33.77 -15.23 6.13
N GLU A 260 -33.48 -13.98 6.01
CA GLU A 260 -33.81 -13.22 4.85
C GLU A 260 -32.56 -12.46 4.47
N TYR A 261 -32.45 -12.16 3.19
CA TYR A 261 -31.33 -11.47 2.63
C TYR A 261 -31.70 -10.05 2.18
N LYS A 262 -31.13 -9.08 2.86
CA LYS A 262 -31.25 -7.72 2.46
C LYS A 262 -29.85 -7.07 2.42
N GLU A 263 -29.21 -7.21 1.27
CA GLU A 263 -27.84 -6.83 1.06
C GLU A 263 -27.60 -5.30 1.27
N ASP A 264 -26.50 -4.91 1.88
CA ASP A 264 -26.12 -3.52 1.94
C ASP A 264 -24.67 -3.28 1.45
N PHE A 265 -24.13 -2.12 1.71
CA PHE A 265 -22.77 -1.80 1.26
C PHE A 265 -21.70 -2.87 1.57
N ARG A 266 -21.87 -3.55 2.67
CA ARG A 266 -20.95 -4.56 3.09
C ARG A 266 -20.77 -5.71 2.10
N ASP A 267 -21.85 -6.08 1.43
CA ASP A 267 -21.83 -7.09 0.41
C ASP A 267 -21.00 -6.66 -0.79
N LYS A 268 -21.02 -5.38 -1.13
CA LYS A 268 -20.16 -4.84 -2.18
C LYS A 268 -18.65 -4.99 -1.81
N ILE A 269 -18.37 -4.76 -0.54
CA ILE A 269 -17.05 -4.97 -0.01
C ILE A 269 -16.63 -6.43 -0.16
N ALA A 270 -17.39 -7.32 0.44
CA ALA A 270 -17.14 -8.77 0.33
C ALA A 270 -16.98 -9.27 -1.10
N ALA A 271 -17.74 -8.69 -2.01
CA ALA A 271 -17.62 -9.04 -3.42
C ALA A 271 -16.21 -8.82 -3.99
N THR A 272 -15.44 -7.89 -3.44
CA THR A 272 -14.11 -7.62 -3.93
C THR A 272 -13.03 -8.58 -3.42
N TRP A 273 -13.38 -9.43 -2.47
CA TRP A 273 -12.45 -10.27 -1.76
C TRP A 273 -12.49 -11.70 -2.30
N PRO A 274 -11.41 -12.46 -2.17
CA PRO A 274 -11.42 -13.84 -2.60
C PRO A 274 -12.28 -14.71 -1.73
N GLU A 275 -12.62 -15.89 -2.23
CA GLU A 275 -13.48 -16.84 -1.57
C GLU A 275 -12.78 -17.77 -0.61
N SER A 276 -11.58 -18.19 -0.96
CA SER A 276 -10.81 -19.11 -0.18
C SER A 276 -9.32 -18.78 -0.29
N LEU A 277 -8.58 -19.13 0.76
CA LEU A 277 -7.14 -18.92 0.80
C LEU A 277 -6.35 -20.23 0.86
N ASP A 278 -5.12 -20.18 0.37
CA ASP A 278 -4.15 -21.20 0.50
C ASP A 278 -3.23 -20.77 1.66
N SER A 279 -3.23 -21.49 2.74
CA SER A 279 -2.38 -21.16 3.89
C SER A 279 -1.11 -22.02 4.05
N SER A 280 -0.73 -22.66 2.96
CA SER A 280 0.46 -23.50 2.94
C SER A 280 1.74 -22.84 3.47
N GLU A 281 1.97 -21.62 3.06
CA GLU A 281 3.18 -20.92 3.45
C GLU A 281 3.27 -20.80 4.98
N ALA A 282 2.20 -20.46 5.61
CA ALA A 282 2.12 -20.32 7.03
C ALA A 282 2.44 -21.64 7.73
N SER A 283 1.90 -22.71 7.20
CA SER A 283 2.16 -24.00 7.79
C SER A 283 3.61 -24.43 7.57
N ASN A 284 4.14 -24.18 6.40
CA ASN A 284 5.50 -24.55 6.10
C ASN A 284 6.58 -23.81 6.92
N GLU A 285 6.39 -22.50 7.04
CA GLU A 285 7.36 -21.61 7.63
C GLU A 285 7.24 -21.42 9.15
N TRP A 286 6.06 -21.52 9.68
CA TRP A 286 5.91 -21.47 11.12
C TRP A 286 4.88 -22.41 11.79
N GLY A 287 4.38 -23.35 11.04
CA GLY A 287 3.63 -24.41 11.65
C GLY A 287 2.18 -24.12 11.92
N PHE A 288 1.64 -23.12 11.27
CA PHE A 288 0.21 -22.81 11.30
C PHE A 288 -0.67 -24.05 11.23
N SER A 289 -1.64 -24.16 12.11
CA SER A 289 -2.61 -25.22 12.02
C SER A 289 -3.91 -24.87 12.68
N ILE A 290 -4.93 -25.63 12.31
CA ILE A 290 -6.29 -25.41 12.71
C ILE A 290 -6.80 -26.56 13.58
N GLU A 291 -7.43 -26.25 14.69
CA GLU A 291 -8.03 -27.23 15.57
C GLU A 291 -9.57 -27.34 15.51
N TYR A 292 -10.22 -26.27 15.06
CA TYR A 292 -11.66 -26.14 14.99
C TYR A 292 -12.14 -26.06 13.57
N ASP A 293 -12.63 -27.16 13.05
CA ASP A 293 -13.26 -27.18 11.76
C ASP A 293 -14.64 -26.54 11.83
N LEU A 294 -15.37 -26.53 10.73
CA LEU A 294 -16.61 -25.80 10.71
C LEU A 294 -17.66 -26.31 11.69
N ASP A 295 -17.89 -27.60 11.68
CA ASP A 295 -18.82 -28.23 12.57
C ASP A 295 -18.45 -27.97 14.02
N ARG A 296 -17.20 -28.11 14.36
CA ARG A 296 -16.81 -27.90 15.72
C ARG A 296 -16.97 -26.42 16.09
N THR A 297 -16.73 -25.51 15.18
CA THR A 297 -17.00 -24.12 15.47
C THR A 297 -18.49 -23.77 15.66
N ILE A 298 -19.35 -24.35 14.84
CA ILE A 298 -20.77 -24.16 14.95
C ILE A 298 -21.33 -24.67 16.29
N ASP A 299 -20.96 -25.87 16.64
CA ASP A 299 -21.40 -26.45 17.89
C ASP A 299 -20.88 -25.72 19.13
N ASP A 300 -19.66 -25.22 19.08
CA ASP A 300 -19.12 -24.48 20.19
C ASP A 300 -19.79 -23.11 20.34
N MET A 301 -20.10 -22.46 19.22
CA MET A 301 -20.76 -21.16 19.23
C MET A 301 -22.20 -21.29 19.74
N ILE A 302 -22.89 -22.33 19.33
CA ILE A 302 -24.22 -22.55 19.84
C ILE A 302 -24.21 -22.72 21.35
N ASP A 303 -23.29 -23.52 21.84
CA ASP A 303 -23.07 -23.76 23.26
C ASP A 303 -22.94 -22.44 24.05
N HIS A 304 -21.96 -21.65 23.65
CA HIS A 304 -21.55 -20.47 24.37
C HIS A 304 -22.52 -19.35 24.22
N ILE A 305 -23.12 -19.21 23.06
CA ILE A 305 -24.10 -18.18 22.82
C ILE A 305 -25.39 -18.49 23.61
N SER A 306 -25.74 -19.76 23.72
CA SER A 306 -26.90 -20.20 24.48
C SER A 306 -26.74 -19.89 25.94
N GLU A 307 -25.55 -20.09 26.43
CA GLU A 307 -25.25 -19.75 27.79
C GLU A 307 -25.29 -18.24 28.01
N LYS A 308 -24.70 -17.52 27.09
CA LYS A 308 -24.62 -16.07 27.11
C LYS A 308 -25.99 -15.42 27.13
N LEU A 309 -26.94 -16.02 26.45
CA LEU A 309 -28.28 -15.52 26.34
C LEU A 309 -29.30 -16.18 27.28
N GLY A 310 -28.84 -16.99 28.20
CA GLY A 310 -29.70 -17.70 29.12
C GLY A 310 -30.76 -18.61 28.56
N ILE A 311 -30.43 -19.25 27.45
CA ILE A 311 -31.20 -20.35 26.93
C ILE A 311 -30.86 -21.59 27.72
N GLU A 312 -29.60 -21.79 28.09
CA GLU A 312 -29.23 -22.81 29.09
C GLU A 312 -28.41 -22.18 30.19
N GLY A 313 -28.94 -22.27 31.43
CA GLY A 313 -28.46 -21.48 32.60
C GLY A 313 -27.04 -21.85 32.85
N LYS A 314 -26.30 -21.05 33.62
CA LYS A 314 -24.83 -21.22 33.69
C LYS A 314 -24.28 -22.58 34.23
N HIS A 315 -25.07 -23.30 35.06
CA HIS A 315 -24.67 -24.66 35.49
C HIS A 315 -25.20 -25.70 34.52
N MET B 1 -7.62 26.19 -14.56
CA MET B 1 -6.30 26.38 -14.08
C MET B 1 -5.65 25.08 -13.62
N ILE B 2 -4.42 24.85 -14.08
CA ILE B 2 -3.65 23.68 -13.76
C ILE B 2 -2.54 23.98 -12.73
N LEU B 3 -2.48 23.27 -11.61
CA LEU B 3 -1.38 23.38 -10.67
C LEU B 3 -0.41 22.21 -10.81
N VAL B 4 0.86 22.54 -10.83
CA VAL B 4 1.87 21.51 -10.89
C VAL B 4 2.62 21.56 -9.58
N THR B 5 2.64 20.48 -8.82
CA THR B 5 3.46 20.42 -7.63
C THR B 5 4.85 19.82 -8.00
N GLY B 6 5.86 20.08 -7.20
CA GLY B 6 7.22 19.66 -7.54
C GLY B 6 7.67 20.04 -8.95
N SER B 7 7.40 21.27 -9.31
CA SER B 7 7.67 21.74 -10.63
C SER B 7 9.14 21.89 -10.97
N SER B 8 9.97 21.93 -9.97
CA SER B 8 11.38 22.10 -10.20
C SER B 8 12.13 20.78 -10.49
N GLY B 9 11.48 19.65 -10.38
CA GLY B 9 12.16 18.41 -10.60
C GLY B 9 12.44 18.07 -12.05
N GLN B 10 12.83 16.82 -12.29
CA GLN B 10 13.22 16.41 -13.62
C GLN B 10 12.10 16.61 -14.64
N ILE B 11 10.92 16.22 -14.24
CA ILE B 11 9.78 16.30 -15.13
C ILE B 11 9.20 17.70 -15.12
N GLY B 12 8.97 18.26 -13.95
CA GLY B 12 8.42 19.57 -13.81
C GLY B 12 9.10 20.61 -14.67
N THR B 13 10.42 20.52 -14.71
CA THR B 13 11.21 21.49 -15.40
C THR B 13 10.77 21.63 -16.85
N GLU B 14 10.47 20.51 -17.46
CA GLU B 14 10.00 20.52 -18.80
C GLU B 14 8.44 20.56 -18.95
N LEU B 15 7.70 19.98 -18.02
CA LEU B 15 6.24 19.89 -18.13
C LEU B 15 5.56 21.24 -18.05
N VAL B 16 6.09 22.07 -17.21
CA VAL B 16 5.47 23.33 -17.07
C VAL B 16 5.34 24.07 -18.42
N PRO B 17 6.40 24.22 -19.16
CA PRO B 17 6.30 24.94 -20.44
C PRO B 17 5.52 24.13 -21.46
N TYR B 18 5.48 22.84 -21.27
CA TYR B 18 4.80 21.97 -22.20
C TYR B 18 3.29 22.23 -22.07
N LEU B 19 2.86 22.38 -20.83
CA LEU B 19 1.48 22.62 -20.49
C LEU B 19 1.06 24.00 -20.96
N ALA B 20 1.88 25.00 -20.69
CA ALA B 20 1.69 26.36 -21.18
C ALA B 20 1.57 26.44 -22.71
N GLU B 21 2.42 25.76 -23.43
CA GLU B 21 2.25 25.72 -24.85
C GLU B 21 0.94 25.06 -25.26
N LYS B 22 0.50 24.03 -24.57
CA LYS B 22 -0.70 23.31 -24.96
C LYS B 22 -1.98 23.99 -24.53
N TYR B 23 -1.98 24.59 -23.36
CA TYR B 23 -3.18 25.03 -22.73
C TYR B 23 -3.18 26.51 -22.40
N GLY B 24 -2.10 27.19 -22.75
CA GLY B 24 -1.98 28.60 -22.57
C GLY B 24 -1.33 29.00 -21.29
N LYS B 25 -0.51 30.05 -21.37
CA LYS B 25 0.35 30.48 -20.28
C LYS B 25 -0.41 30.93 -19.06
N LYS B 26 -1.57 31.52 -19.25
CA LYS B 26 -2.35 31.96 -18.11
C LYS B 26 -2.91 30.80 -17.31
N ASN B 27 -2.96 29.63 -17.88
CA ASN B 27 -3.66 28.52 -17.25
C ASN B 27 -2.83 27.53 -16.43
N VAL B 28 -1.55 27.80 -16.22
CA VAL B 28 -0.65 26.93 -15.48
C VAL B 28 -0.07 27.65 -14.32
N ILE B 29 0.00 27.02 -13.18
CA ILE B 29 0.81 27.51 -12.09
C ILE B 29 1.84 26.47 -11.62
N ALA B 30 3.08 26.90 -11.56
CA ALA B 30 4.19 26.06 -11.18
C ALA B 30 4.38 26.17 -9.68
N SER B 31 4.76 25.10 -9.01
CA SER B 31 4.98 25.14 -7.58
C SER B 31 5.95 24.05 -7.08
N ASP B 32 6.68 24.39 -6.05
CA ASP B 32 7.69 23.55 -5.49
C ASP B 32 8.14 24.19 -4.20
N ILE B 33 9.00 23.53 -3.45
CA ILE B 33 9.60 24.17 -2.31
C ILE B 33 10.96 24.77 -2.70
N VAL B 34 11.36 24.56 -3.93
CA VAL B 34 12.57 25.14 -4.49
C VAL B 34 12.28 25.78 -5.83
N GLN B 35 12.65 27.04 -5.98
CA GLN B 35 12.31 27.79 -7.18
C GLN B 35 13.33 27.71 -8.30
N ARG B 36 12.86 27.65 -9.51
CA ARG B 36 13.70 27.69 -10.67
C ARG B 36 12.99 28.52 -11.72
N ASP B 37 13.68 28.81 -12.80
CA ASP B 37 13.17 29.55 -13.92
C ASP B 37 11.97 28.86 -14.57
N THR B 38 10.83 29.55 -14.63
CA THR B 38 9.66 29.06 -15.34
C THR B 38 9.32 29.88 -16.61
N GLY B 39 10.22 30.75 -17.00
CA GLY B 39 10.07 31.48 -18.22
C GLY B 39 8.81 32.32 -18.27
N GLY B 40 8.53 33.01 -17.18
CA GLY B 40 7.36 33.86 -17.07
C GLY B 40 6.18 33.23 -16.38
N ILE B 41 6.04 31.92 -16.53
CA ILE B 41 4.93 31.18 -15.94
C ILE B 41 4.94 31.41 -14.43
N LYS B 42 3.78 31.70 -13.88
CA LYS B 42 3.59 31.98 -12.49
C LYS B 42 4.05 30.85 -11.55
N PHE B 43 4.73 31.24 -10.49
CA PHE B 43 5.35 30.32 -9.56
C PHE B 43 4.99 30.69 -8.17
N ILE B 44 4.59 29.71 -7.36
CA ILE B 44 4.35 29.87 -5.94
C ILE B 44 5.04 28.78 -5.10
N THR B 45 5.50 29.12 -3.94
CA THR B 45 6.08 28.13 -3.07
C THR B 45 5.02 27.26 -2.40
N LEU B 46 5.17 25.96 -2.49
CA LEU B 46 4.21 25.09 -1.88
C LEU B 46 4.82 23.82 -1.36
N ASP B 47 4.77 23.63 -0.05
CA ASP B 47 5.10 22.36 0.61
C ASP B 47 3.91 21.38 0.68
N VAL B 48 3.87 20.37 -0.18
CA VAL B 48 2.79 19.39 -0.15
C VAL B 48 2.54 18.70 1.20
N SER B 49 3.48 18.73 2.10
CA SER B 49 3.32 18.11 3.38
C SER B 49 2.51 18.98 4.34
N ASN B 50 2.22 20.19 3.92
CA ASN B 50 1.41 21.10 4.69
C ASN B 50 0.05 21.22 4.06
N ARG B 51 -0.90 20.51 4.60
CA ARG B 51 -2.22 20.43 4.02
C ARG B 51 -2.85 21.81 3.83
N ASP B 52 -2.55 22.66 4.75
CA ASP B 52 -3.07 24.00 4.70
C ASP B 52 -2.63 24.77 3.51
N GLU B 53 -1.37 24.62 3.16
CA GLU B 53 -0.78 25.31 2.06
C GLU B 53 -1.49 24.90 0.81
N ILE B 54 -1.77 23.62 0.70
CA ILE B 54 -2.46 23.14 -0.43
C ILE B 54 -3.87 23.75 -0.49
N ASP B 55 -4.61 23.71 0.61
CA ASP B 55 -5.99 24.22 0.63
C ASP B 55 -6.05 25.66 0.11
N ARG B 56 -5.13 26.46 0.58
CA ARG B 56 -5.03 27.87 0.27
C ARG B 56 -4.74 28.15 -1.20
N ALA B 57 -3.75 27.46 -1.75
CA ALA B 57 -3.41 27.53 -3.14
C ALA B 57 -4.53 27.16 -4.10
N VAL B 58 -5.21 26.09 -3.78
CA VAL B 58 -6.27 25.59 -4.59
C VAL B 58 -7.42 26.58 -4.64
N GLU B 59 -7.69 27.23 -3.53
CA GLU B 59 -8.69 28.27 -3.53
C GLU B 59 -8.26 29.52 -4.23
N LYS B 60 -7.08 29.99 -3.94
CA LYS B 60 -6.68 31.28 -4.44
C LYS B 60 -6.51 31.28 -5.94
N TYR B 61 -6.11 30.15 -6.49
CA TYR B 61 -5.82 30.06 -7.89
C TYR B 61 -6.95 29.40 -8.71
N SER B 62 -8.01 28.99 -8.02
CA SER B 62 -9.17 28.39 -8.64
C SER B 62 -8.74 27.17 -9.47
N ILE B 63 -8.00 26.26 -8.84
CA ILE B 63 -7.37 25.13 -9.50
C ILE B 63 -8.35 24.06 -9.92
N ASP B 64 -8.30 23.68 -11.21
CA ASP B 64 -9.13 22.72 -11.95
C ASP B 64 -8.48 21.34 -12.06
N ALA B 65 -7.17 21.31 -12.03
CA ALA B 65 -6.42 20.11 -12.35
C ALA B 65 -5.09 20.17 -11.64
N ILE B 66 -4.57 19.03 -11.21
CA ILE B 66 -3.28 18.99 -10.56
C ILE B 66 -2.40 17.87 -11.14
N PHE B 67 -1.19 18.24 -11.53
CA PHE B 67 -0.20 17.29 -11.92
C PHE B 67 0.69 17.23 -10.67
N HIS B 68 0.61 16.15 -9.92
CA HIS B 68 1.23 16.09 -8.61
C HIS B 68 2.56 15.40 -8.75
N LEU B 69 3.61 16.19 -8.88
CA LEU B 69 4.95 15.70 -9.10
C LEU B 69 5.85 15.66 -7.86
N ALA B 70 5.43 16.30 -6.80
CA ALA B 70 6.23 16.45 -5.65
C ALA B 70 6.57 15.06 -5.10
N GLY B 71 7.83 14.84 -4.82
CA GLY B 71 8.24 13.61 -4.18
C GLY B 71 9.71 13.41 -3.98
N ILE B 72 10.04 12.53 -3.07
CA ILE B 72 11.34 11.98 -2.88
C ILE B 72 11.39 10.66 -3.65
N LEU B 73 12.48 10.46 -4.37
CA LEU B 73 12.64 9.30 -5.21
C LEU B 73 13.44 8.16 -4.54
N SER B 74 13.79 7.15 -5.32
CA SER B 74 14.21 5.88 -4.74
C SER B 74 15.51 5.99 -3.92
N ALA B 75 16.56 6.50 -4.53
CA ALA B 75 17.83 6.69 -3.83
C ALA B 75 17.78 7.57 -2.55
N LYS B 76 17.35 8.81 -2.71
CA LYS B 76 17.15 9.70 -1.58
C LYS B 76 16.26 9.07 -0.51
N GLY B 77 15.28 8.31 -0.94
CA GLY B 77 14.38 7.64 -0.07
C GLY B 77 15.07 6.64 0.85
N GLU B 78 16.07 5.95 0.31
CA GLU B 78 16.83 5.01 1.12
C GLU B 78 17.76 5.73 2.05
N LYS B 79 18.17 6.91 1.66
CA LYS B 79 18.99 7.70 2.52
C LYS B 79 18.22 8.33 3.68
N ASP B 80 16.95 8.64 3.45
CA ASP B 80 16.10 9.32 4.42
C ASP B 80 14.65 8.88 4.28
N PRO B 81 14.35 7.68 4.72
CA PRO B 81 13.01 7.12 4.56
C PRO B 81 11.94 7.94 5.25
N ALA B 82 12.30 8.53 6.38
CA ALA B 82 11.31 9.34 7.09
C ALA B 82 10.90 10.55 6.24
N LEU B 83 11.86 11.12 5.55
CA LEU B 83 11.56 12.22 4.69
C LEU B 83 10.67 11.73 3.54
N ALA B 84 11.00 10.60 2.97
CA ALA B 84 10.22 10.06 1.88
C ALA B 84 8.77 9.81 2.31
N TYR B 85 8.60 9.30 3.50
CA TYR B 85 7.29 9.02 3.95
C TYR B 85 6.50 10.31 4.12
N LYS B 86 7.09 11.24 4.81
CA LYS B 86 6.46 12.56 5.01
C LYS B 86 6.01 13.19 3.69
N VAL B 87 6.92 13.34 2.75
CA VAL B 87 6.62 14.02 1.52
C VAL B 87 5.69 13.19 0.60
N ASN B 88 6.01 11.92 0.45
CA ASN B 88 5.32 11.10 -0.48
C ASN B 88 3.99 10.62 0.11
N MET B 89 4.04 10.00 1.26
CA MET B 89 2.83 9.52 1.85
C MET B 89 1.89 10.66 2.32
N ASN B 90 2.30 11.41 3.31
CA ASN B 90 1.58 12.55 3.79
C ASN B 90 1.22 13.52 2.66
N GLY B 91 2.19 13.82 1.82
CA GLY B 91 2.02 14.80 0.76
C GLY B 91 0.95 14.45 -0.24
N THR B 92 0.97 13.19 -0.65
CA THR B 92 0.00 12.70 -1.59
C THR B 92 -1.39 12.62 -0.95
N TYR B 93 -1.46 12.17 0.30
CA TYR B 93 -2.73 12.12 1.02
C TYR B 93 -3.32 13.53 1.07
N ASN B 94 -2.52 14.50 1.44
CA ASN B 94 -2.95 15.89 1.51
C ASN B 94 -3.47 16.38 0.19
N ILE B 95 -2.80 16.07 -0.90
CA ILE B 95 -3.23 16.50 -2.23
C ILE B 95 -4.58 15.91 -2.58
N LEU B 96 -4.76 14.63 -2.34
CA LEU B 96 -6.01 13.95 -2.62
C LEU B 96 -7.18 14.49 -1.80
N GLU B 97 -6.99 14.68 -0.51
CA GLU B 97 -8.03 15.23 0.37
C GLU B 97 -8.41 16.66 -0.02
N ALA B 98 -7.44 17.49 -0.24
CA ALA B 98 -7.67 18.83 -0.74
C ALA B 98 -8.38 18.83 -2.08
N ALA B 99 -7.97 17.99 -3.00
CA ALA B 99 -8.57 17.98 -4.27
C ALA B 99 -10.04 17.53 -4.15
N LYS B 100 -10.30 16.59 -3.26
CA LYS B 100 -11.62 16.01 -3.14
C LYS B 100 -12.64 17.02 -2.60
N GLN B 101 -12.28 17.72 -1.54
CA GLN B 101 -13.08 18.82 -1.06
C GLN B 101 -13.46 19.80 -2.16
N HIS B 102 -12.45 20.35 -2.87
CA HIS B 102 -12.73 21.33 -3.92
C HIS B 102 -13.18 20.77 -5.29
N ARG B 103 -13.52 21.62 -6.23
CA ARG B 103 -13.88 21.13 -7.54
C ARG B 103 -12.72 20.63 -8.38
N VAL B 104 -12.02 19.51 -7.99
CA VAL B 104 -10.87 19.16 -8.78
C VAL B 104 -11.19 18.15 -9.82
N GLU B 105 -11.30 18.63 -11.01
CA GLU B 105 -11.71 17.77 -12.04
C GLU B 105 -10.77 16.59 -12.25
N LYS B 106 -9.46 16.82 -12.09
CA LYS B 106 -8.47 15.80 -12.39
C LYS B 106 -7.20 16.03 -11.54
N VAL B 107 -6.63 14.92 -11.09
CA VAL B 107 -5.31 14.83 -10.49
C VAL B 107 -4.56 13.75 -11.23
N VAL B 108 -3.37 14.06 -11.72
CA VAL B 108 -2.54 13.11 -12.43
C VAL B 108 -1.29 12.91 -11.59
N ILE B 109 -0.94 11.67 -11.31
CA ILE B 109 0.22 11.35 -10.50
C ILE B 109 1.20 10.45 -11.25
N PRO B 110 2.47 10.82 -11.30
CA PRO B 110 3.48 9.94 -11.89
C PRO B 110 3.90 8.84 -10.89
N SER B 111 3.52 7.62 -11.17
CA SER B 111 3.99 6.50 -10.42
C SER B 111 5.27 5.94 -11.09
N THR B 112 5.64 4.73 -10.72
CA THR B 112 6.98 4.29 -10.98
C THR B 112 7.08 2.77 -11.02
N ILE B 113 8.05 2.29 -11.75
CA ILE B 113 8.42 0.91 -11.67
C ILE B 113 8.88 0.58 -10.27
N GLY B 114 9.14 1.61 -9.49
CA GLY B 114 9.48 1.37 -8.13
C GLY B 114 8.38 0.67 -7.32
N VAL B 115 7.17 0.53 -7.86
CA VAL B 115 6.12 -0.17 -7.14
C VAL B 115 6.27 -1.70 -7.17
N PHE B 116 7.26 -2.15 -7.92
CA PHE B 116 7.50 -3.56 -8.15
C PHE B 116 8.58 -4.03 -7.19
N GLY B 117 8.67 -5.33 -6.99
CA GLY B 117 9.71 -5.94 -6.18
C GLY B 117 10.22 -7.24 -6.77
N PRO B 118 11.03 -7.98 -6.04
CA PRO B 118 11.65 -9.20 -6.58
C PRO B 118 10.66 -10.25 -7.05
N GLU B 119 9.48 -10.34 -6.48
CA GLU B 119 8.49 -11.32 -6.90
C GLU B 119 7.77 -10.96 -8.20
N THR B 120 7.92 -9.73 -8.64
CA THR B 120 7.35 -9.27 -9.88
C THR B 120 8.14 -9.87 -11.07
N PRO B 121 7.45 -10.47 -12.00
CA PRO B 121 8.10 -11.03 -13.18
C PRO B 121 9.05 -10.04 -13.86
N LYS B 122 10.18 -10.49 -14.37
CA LYS B 122 11.18 -9.57 -14.88
C LYS B 122 10.92 -9.07 -16.30
N ASN B 123 10.12 -9.78 -17.06
CA ASN B 123 9.96 -9.46 -18.46
C ASN B 123 8.56 -9.38 -18.99
N LYS B 124 8.34 -8.39 -19.82
CA LYS B 124 7.00 -8.13 -20.31
C LYS B 124 5.90 -8.07 -19.24
N VAL B 125 6.17 -7.45 -18.10
CA VAL B 125 5.21 -7.33 -17.03
C VAL B 125 4.01 -6.50 -17.39
N PRO B 126 2.84 -7.08 -17.20
CA PRO B 126 1.60 -6.36 -17.38
C PRO B 126 1.32 -5.46 -16.15
N SER B 127 0.37 -4.54 -16.26
CA SER B 127 0.08 -3.63 -15.18
C SER B 127 -0.51 -4.29 -13.96
N ILE B 128 -1.38 -5.28 -14.15
CA ILE B 128 -1.90 -6.05 -13.06
C ILE B 128 -0.92 -7.14 -12.72
N THR B 129 -0.24 -7.01 -11.60
CA THR B 129 0.84 -7.92 -11.24
C THR B 129 1.21 -7.83 -9.77
N ILE B 130 2.20 -8.57 -9.35
CA ILE B 130 2.68 -8.50 -7.98
C ILE B 130 3.35 -7.10 -7.72
N THR B 131 2.96 -6.46 -6.63
CA THR B 131 3.49 -5.16 -6.27
C THR B 131 3.92 -5.17 -4.77
N ARG B 132 5.12 -5.65 -4.52
CA ARG B 132 5.64 -5.75 -3.18
C ARG B 132 6.97 -4.97 -3.08
N PRO B 133 6.90 -3.65 -3.18
CA PRO B 133 8.08 -2.81 -3.23
C PRO B 133 8.94 -2.99 -1.99
N ARG B 134 10.25 -2.91 -2.18
CA ARG B 134 11.23 -3.02 -1.12
C ARG B 134 11.96 -1.70 -0.72
N THR B 135 11.58 -0.58 -1.31
CA THR B 135 12.08 0.76 -1.00
C THR B 135 10.98 1.64 -0.37
N MET B 136 11.34 2.54 0.50
CA MET B 136 10.36 3.41 1.06
C MET B 136 9.66 4.17 -0.08
N PHE B 137 10.38 4.60 -1.08
CA PHE B 137 9.78 5.28 -2.26
C PHE B 137 8.64 4.41 -2.86
N GLY B 138 8.98 3.16 -3.16
CA GLY B 138 8.01 2.23 -3.74
C GLY B 138 6.76 1.99 -2.93
N VAL B 139 6.94 1.85 -1.63
CA VAL B 139 5.83 1.65 -0.72
C VAL B 139 4.91 2.86 -0.82
N THR B 140 5.50 4.05 -0.79
CA THR B 140 4.72 5.27 -0.89
C THR B 140 3.99 5.41 -2.21
N LYS B 141 4.61 4.91 -3.25
CA LYS B 141 4.04 5.02 -4.59
C LYS B 141 2.92 4.03 -4.86
N ILE B 142 3.04 2.77 -4.44
CA ILE B 142 1.93 1.86 -4.56
C ILE B 142 0.76 2.37 -3.71
N ALA B 143 1.02 2.82 -2.50
CA ALA B 143 0.04 3.51 -1.69
C ALA B 143 -0.64 4.66 -2.50
N ALA B 144 0.14 5.48 -3.16
CA ALA B 144 -0.42 6.52 -4.01
C ALA B 144 -1.41 6.02 -5.08
N GLU B 145 -1.04 5.01 -5.85
CA GLU B 145 -1.93 4.45 -6.85
C GLU B 145 -3.23 3.92 -6.22
N LEU B 146 -3.11 3.28 -5.07
CA LEU B 146 -4.27 2.68 -4.43
C LEU B 146 -5.21 3.74 -3.87
N LEU B 147 -4.63 4.75 -3.26
CA LEU B 147 -5.37 5.87 -2.75
C LEU B 147 -6.10 6.56 -3.91
N GLY B 148 -5.38 6.77 -4.99
CA GLY B 148 -5.89 7.46 -6.14
C GLY B 148 -7.11 6.76 -6.69
N GLN B 149 -7.00 5.46 -6.86
CA GLN B 149 -8.09 4.67 -7.38
C GLN B 149 -9.25 4.65 -6.37
N TYR B 150 -8.93 4.59 -5.08
CA TYR B 150 -9.96 4.68 -4.07
C TYR B 150 -10.71 6.03 -4.18
N TYR B 151 -9.99 7.12 -4.27
CA TYR B 151 -10.65 8.40 -4.33
C TYR B 151 -11.62 8.47 -5.52
N TYR B 152 -11.24 7.83 -6.60
CA TYR B 152 -12.07 7.76 -7.78
C TYR B 152 -13.31 6.88 -7.58
N GLU B 153 -13.08 5.67 -7.12
CA GLU B 153 -14.18 4.78 -6.85
C GLU B 153 -15.08 5.33 -5.76
N LYS B 154 -14.53 5.95 -4.74
CA LYS B 154 -15.34 6.35 -3.61
C LYS B 154 -16.02 7.71 -3.77
N PHE B 155 -15.26 8.69 -4.23
CA PHE B 155 -15.66 10.06 -4.26
C PHE B 155 -15.86 10.57 -5.69
N GLY B 156 -15.47 9.79 -6.68
CA GLY B 156 -15.49 10.20 -8.06
C GLY B 156 -14.47 11.28 -8.42
N LEU B 157 -13.44 11.43 -7.61
CA LEU B 157 -12.33 12.28 -7.95
C LEU B 157 -11.55 11.64 -9.10
N ASP B 158 -11.36 12.37 -10.17
CA ASP B 158 -10.73 11.80 -11.32
C ASP B 158 -9.18 11.74 -11.18
N VAL B 159 -8.70 10.71 -10.50
CA VAL B 159 -7.25 10.53 -10.34
C VAL B 159 -6.77 9.50 -11.31
N ARG B 160 -5.69 9.82 -11.98
CA ARG B 160 -5.14 9.01 -13.02
C ARG B 160 -3.66 8.87 -12.78
N SER B 161 -3.08 7.72 -13.10
CA SER B 161 -1.65 7.49 -12.92
C SER B 161 -1.06 6.47 -13.87
N LEU B 162 0.20 6.68 -14.19
CA LEU B 162 0.99 5.77 -14.96
C LEU B 162 2.32 5.58 -14.25
N ARG B 163 2.95 4.49 -14.59
CA ARG B 163 4.19 4.05 -14.01
C ARG B 163 5.36 4.32 -14.95
N TYR B 164 6.12 5.34 -14.65
CA TYR B 164 7.24 5.65 -15.48
C TYR B 164 8.41 4.69 -15.25
N PRO B 165 9.20 4.43 -16.28
CA PRO B 165 10.48 3.77 -16.10
C PRO B 165 11.53 4.84 -15.82
N GLY B 166 12.80 4.54 -16.02
CA GLY B 166 13.81 5.57 -15.94
C GLY B 166 13.59 6.59 -17.04
N ILE B 167 13.60 7.85 -16.71
CA ILE B 167 13.49 8.87 -17.71
C ILE B 167 14.85 9.57 -18.01
N ILE B 168 15.15 9.62 -19.28
CA ILE B 168 16.36 10.20 -19.80
C ILE B 168 16.02 11.59 -20.32
N SER B 169 16.69 12.58 -19.84
CA SER B 169 16.48 13.89 -20.28
C SER B 169 17.78 14.75 -20.21
N TYR B 170 17.72 15.94 -20.79
CA TYR B 170 18.83 16.85 -20.85
C TYR B 170 18.59 18.20 -20.25
N LYS B 171 17.33 18.59 -20.17
CA LYS B 171 17.00 19.94 -19.74
C LYS B 171 17.27 20.22 -18.27
N ALA B 172 16.87 19.31 -17.40
CA ALA B 172 17.21 19.38 -15.98
C ALA B 172 18.44 18.51 -15.67
N GLU B 173 19.26 18.93 -14.75
CA GLU B 173 20.41 18.16 -14.39
C GLU B 173 20.02 16.93 -13.55
N PRO B 174 20.71 15.81 -13.70
CA PRO B 174 20.39 14.64 -12.91
C PRO B 174 20.65 14.85 -11.40
N THR B 175 20.06 13.99 -10.59
CA THR B 175 20.08 14.20 -9.17
C THR B 175 20.46 12.94 -8.43
N ALA B 176 21.45 12.25 -8.96
CA ALA B 176 22.03 11.06 -8.36
C ALA B 176 21.00 9.94 -8.10
N GLY B 177 19.91 9.97 -8.82
CA GLY B 177 18.92 8.90 -8.73
C GLY B 177 19.40 7.52 -9.22
N THR B 178 18.68 6.49 -8.83
CA THR B 178 18.99 5.16 -9.23
C THR B 178 19.14 5.04 -10.77
N THR B 179 18.24 5.63 -11.55
CA THR B 179 18.27 5.50 -13.00
C THR B 179 19.06 6.64 -13.68
N ASP B 180 19.54 7.58 -12.88
CA ASP B 180 20.15 8.80 -13.41
C ASP B 180 21.53 8.54 -14.06
N TYR B 181 22.08 7.35 -13.90
CA TYR B 181 23.35 7.00 -14.56
C TYR B 181 23.18 7.13 -16.05
N ALA B 182 21.92 7.01 -16.48
CA ALA B 182 21.56 7.00 -17.92
C ALA B 182 21.56 8.39 -18.48
N VAL B 183 21.69 9.35 -17.60
CA VAL B 183 21.75 10.73 -17.98
C VAL B 183 23.17 11.24 -17.79
N GLU B 184 23.74 10.99 -16.61
CA GLU B 184 25.13 11.28 -16.28
C GLU B 184 26.07 10.77 -17.37
N ILE B 185 25.87 9.56 -17.82
CA ILE B 185 26.81 8.94 -18.74
C ILE B 185 27.04 9.81 -19.97
N PHE B 186 26.03 10.49 -20.44
CA PHE B 186 26.14 11.36 -21.61
C PHE B 186 27.05 12.57 -21.34
N TYR B 187 27.03 13.07 -20.12
CA TYR B 187 27.81 14.21 -19.72
C TYR B 187 29.31 13.86 -19.83
N TYR B 188 29.66 12.74 -19.24
CA TYR B 188 30.98 12.18 -19.33
C TYR B 188 31.40 11.89 -20.79
N ALA B 189 30.52 11.28 -21.53
CA ALA B 189 30.80 10.92 -22.93
C ALA B 189 31.21 12.15 -23.74
N VAL B 190 30.39 13.18 -23.72
CA VAL B 190 30.67 14.36 -24.52
C VAL B 190 31.98 15.03 -24.11
N LYS B 191 32.42 14.84 -22.88
CA LYS B 191 33.70 15.34 -22.43
C LYS B 191 34.84 14.34 -22.63
N ARG B 192 34.55 13.20 -23.23
CA ARG B 192 35.48 12.12 -23.40
C ARG B 192 36.19 11.78 -22.08
N GLU B 193 35.41 11.77 -21.02
CA GLU B 193 35.83 11.41 -19.69
C GLU B 193 35.34 10.00 -19.32
N LYS B 194 36.17 9.22 -18.66
CA LYS B 194 35.78 7.94 -18.15
C LYS B 194 34.69 8.09 -17.14
N TYR B 195 33.62 7.34 -17.34
CA TYR B 195 32.45 7.34 -16.45
C TYR B 195 32.53 6.22 -15.40
N LYS B 196 32.15 6.52 -14.18
CA LYS B 196 32.10 5.53 -13.15
C LYS B 196 30.65 5.27 -12.86
N CYS B 197 30.15 4.11 -13.29
CA CYS B 197 28.76 3.76 -13.26
C CYS B 197 28.44 2.99 -12.01
N TYR B 198 27.34 3.37 -11.37
CA TYR B 198 26.99 2.84 -10.10
C TYR B 198 26.03 1.66 -10.13
N LEU B 199 25.57 1.33 -11.32
CA LEU B 199 24.79 0.13 -11.60
C LEU B 199 25.64 -0.92 -12.29
N ALA B 200 25.28 -2.16 -12.07
CA ALA B 200 26.03 -3.25 -12.64
C ALA B 200 25.99 -3.21 -14.17
N PRO B 201 27.03 -3.74 -14.83
CA PRO B 201 27.09 -3.72 -16.29
C PRO B 201 25.90 -4.31 -17.01
N ASN B 202 25.34 -5.35 -16.43
CA ASN B 202 24.25 -6.06 -17.03
C ASN B 202 22.89 -5.85 -16.30
N ARG B 203 22.75 -4.70 -15.66
CA ARG B 203 21.53 -4.31 -14.97
C ARG B 203 20.50 -3.66 -15.89
N ALA B 204 19.66 -4.52 -16.45
CA ALA B 204 18.65 -4.13 -17.42
C ALA B 204 17.49 -3.45 -16.77
N LEU B 205 17.07 -2.34 -17.34
CA LEU B 205 15.92 -1.62 -16.87
C LEU B 205 15.15 -1.01 -18.01
N PRO B 206 13.87 -0.82 -17.82
CA PRO B 206 13.07 -0.10 -18.79
C PRO B 206 13.34 1.37 -18.65
N MET B 207 13.35 2.06 -19.78
CA MET B 207 13.63 3.47 -19.87
C MET B 207 12.80 4.14 -20.99
N MET B 208 12.82 5.45 -20.98
CA MET B 208 12.24 6.25 -22.03
C MET B 208 12.74 7.68 -22.00
N TYR B 209 12.60 8.33 -23.14
CA TYR B 209 13.16 9.64 -23.34
C TYR B 209 12.11 10.65 -22.98
N MET B 210 12.53 11.77 -22.46
CA MET B 210 11.61 12.76 -21.90
C MET B 210 10.47 13.29 -22.80
N PRO B 211 10.72 13.49 -24.09
CA PRO B 211 9.66 13.89 -25.01
C PRO B 211 8.53 12.90 -24.99
N ASP B 212 8.81 11.61 -24.96
CA ASP B 212 7.78 10.61 -24.87
C ASP B 212 7.11 10.56 -23.49
N ALA B 213 7.91 10.77 -22.46
CA ALA B 213 7.41 10.88 -21.07
C ALA B 213 6.38 12.00 -20.88
N LEU B 214 6.70 13.17 -21.41
CA LEU B 214 5.77 14.29 -21.40
C LEU B 214 4.52 14.02 -22.22
N LYS B 215 4.69 13.50 -23.41
CA LYS B 215 3.55 13.20 -24.24
C LYS B 215 2.60 12.24 -23.52
N ALA B 216 3.15 11.19 -22.92
CA ALA B 216 2.33 10.18 -22.25
C ALA B 216 1.51 10.80 -21.13
N LEU B 217 2.14 11.61 -20.32
CA LEU B 217 1.49 12.19 -19.19
C LEU B 217 0.29 13.00 -19.70
N VAL B 218 0.51 13.79 -20.72
CA VAL B 218 -0.54 14.61 -21.27
C VAL B 218 -1.62 13.82 -22.00
N ASP B 219 -1.25 12.83 -22.75
CA ASP B 219 -2.25 12.00 -23.34
C ASP B 219 -3.13 11.34 -22.24
N LEU B 220 -2.54 10.96 -21.12
CA LEU B 220 -3.29 10.34 -20.05
C LEU B 220 -4.25 11.33 -19.42
N TYR B 221 -3.75 12.50 -19.19
CA TYR B 221 -4.55 13.59 -18.77
C TYR B 221 -5.73 13.84 -19.69
N GLU B 222 -5.53 13.77 -20.99
CA GLU B 222 -6.54 14.18 -21.94
C GLU B 222 -7.58 13.15 -22.22
N ALA B 223 -7.32 11.93 -21.81
CA ALA B 223 -8.14 10.83 -22.17
C ALA B 223 -9.51 11.03 -21.61
N ASP B 224 -10.47 10.46 -22.26
CA ASP B 224 -11.78 10.59 -21.69
C ASP B 224 -12.06 9.64 -20.54
N ARG B 225 -12.49 10.20 -19.42
CA ARG B 225 -12.66 9.55 -18.13
C ARG B 225 -13.41 8.27 -18.20
N ASP B 226 -14.54 8.33 -18.88
CA ASP B 226 -15.42 7.22 -19.08
C ASP B 226 -14.71 6.24 -19.97
N LYS B 227 -13.56 6.57 -20.48
CA LYS B 227 -12.91 5.58 -21.34
C LYS B 227 -11.71 4.78 -20.74
N LEU B 228 -11.15 5.25 -19.64
CA LEU B 228 -10.18 4.53 -18.88
C LEU B 228 -10.78 3.38 -18.05
N VAL B 229 -10.11 2.26 -17.94
CA VAL B 229 -10.60 1.15 -17.13
C VAL B 229 -9.61 0.89 -16.00
N LEU B 230 -8.38 0.61 -16.37
CA LEU B 230 -7.36 0.41 -15.38
C LEU B 230 -7.20 1.68 -14.55
N ARG B 231 -6.99 2.79 -15.24
CA ARG B 231 -7.01 4.13 -14.70
C ARG B 231 -5.80 4.58 -13.89
N ASN B 232 -5.34 3.72 -13.01
CA ASN B 232 -4.15 3.95 -12.19
C ASN B 232 -3.18 2.78 -12.33
N GLY B 233 -1.91 3.08 -12.46
CA GLY B 233 -0.94 2.05 -12.58
C GLY B 233 -0.55 1.55 -13.95
N TYR B 234 -0.75 2.37 -14.97
CA TYR B 234 -0.43 2.00 -16.33
C TYR B 234 1.07 1.89 -16.52
N ASN B 235 1.56 0.72 -16.84
CA ASN B 235 2.93 0.56 -17.26
C ASN B 235 3.17 1.30 -18.57
N VAL B 236 4.21 2.06 -18.63
CA VAL B 236 4.71 2.69 -19.86
C VAL B 236 6.23 2.55 -19.92
N THR B 237 6.72 2.38 -21.14
CA THR B 237 8.13 2.15 -21.46
C THR B 237 8.42 2.40 -22.95
N ALA B 238 9.67 2.65 -23.28
CA ALA B 238 10.11 2.77 -24.65
C ALA B 238 11.07 1.65 -25.06
N TYR B 239 11.95 1.29 -24.14
CA TYR B 239 13.02 0.38 -24.40
C TYR B 239 13.63 -0.09 -23.07
N THR B 240 14.34 -1.21 -23.15
CA THR B 240 15.06 -1.77 -22.04
C THR B 240 16.50 -1.89 -22.43
N PHE B 241 17.41 -1.44 -21.58
CA PHE B 241 18.81 -1.67 -21.81
C PHE B 241 19.60 -1.76 -20.51
N THR B 242 20.81 -2.25 -20.62
CA THR B 242 21.74 -2.31 -19.53
C THR B 242 22.76 -1.20 -19.66
N PRO B 243 23.44 -0.86 -18.57
CA PRO B 243 24.49 0.14 -18.64
C PRO B 243 25.54 -0.21 -19.72
N SER B 244 25.97 -1.45 -19.83
CA SER B 244 27.01 -1.78 -20.82
C SER B 244 26.46 -1.62 -22.26
N GLU B 245 25.17 -1.88 -22.44
CA GLU B 245 24.60 -1.66 -23.76
C GLU B 245 24.58 -0.18 -24.12
N LEU B 246 24.11 0.63 -23.20
CA LEU B 246 24.04 2.05 -23.43
C LEU B 246 25.46 2.59 -23.71
N TYR B 247 26.46 2.09 -22.98
CA TYR B 247 27.84 2.50 -23.13
C TYR B 247 28.31 2.13 -24.49
N SER B 248 28.10 0.89 -24.87
CA SER B 248 28.52 0.44 -26.19
C SER B 248 27.94 1.25 -27.35
N LYS B 249 26.68 1.62 -27.25
CA LYS B 249 26.03 2.39 -28.27
C LYS B 249 26.54 3.83 -28.31
N ILE B 250 26.75 4.40 -27.13
CA ILE B 250 27.40 5.70 -27.06
C ILE B 250 28.80 5.67 -27.73
N LYS B 251 29.58 4.64 -27.45
CA LYS B 251 30.93 4.52 -27.94
C LYS B 251 31.00 4.42 -29.49
N GLU B 252 29.96 3.86 -30.08
CA GLU B 252 29.84 3.82 -31.53
C GLU B 252 29.87 5.23 -32.08
N ARG B 253 29.39 6.17 -31.30
CA ARG B 253 29.38 7.58 -31.66
C ARG B 253 30.60 8.37 -31.19
N ILE B 254 31.10 7.96 -30.04
CA ILE B 254 32.15 8.66 -29.36
C ILE B 254 33.14 7.61 -28.90
N PRO B 255 33.98 7.16 -29.81
CA PRO B 255 34.76 5.96 -29.56
C PRO B 255 35.82 6.07 -28.44
N GLU B 256 36.18 7.27 -28.03
CA GLU B 256 37.16 7.47 -26.98
C GLU B 256 36.56 7.20 -25.56
N PHE B 257 35.26 7.05 -25.51
CA PHE B 257 34.54 6.92 -24.24
C PHE B 257 34.91 5.65 -23.50
N GLU B 258 35.09 5.77 -22.19
CA GLU B 258 35.41 4.67 -21.35
C GLU B 258 34.50 4.64 -20.11
N ILE B 259 34.44 3.47 -19.53
CA ILE B 259 33.59 3.28 -18.40
C ILE B 259 34.14 2.26 -17.44
N GLU B 260 33.79 2.42 -16.18
CA GLU B 260 34.20 1.49 -15.15
C GLU B 260 33.01 1.30 -14.24
N TYR B 261 32.90 0.18 -13.58
CA TYR B 261 31.70 -0.15 -12.82
C TYR B 261 32.01 -0.19 -11.34
N LYS B 262 31.36 0.65 -10.57
CA LYS B 262 31.55 0.62 -9.16
C LYS B 262 30.18 0.60 -8.51
N GLU B 263 29.56 -0.56 -8.45
CA GLU B 263 28.20 -0.65 -7.98
C GLU B 263 27.98 -0.30 -6.47
N ASP B 264 26.86 0.33 -6.16
CA ASP B 264 26.58 0.73 -4.83
C ASP B 264 25.13 0.41 -4.48
N PHE B 265 24.60 1.00 -3.42
CA PHE B 265 23.25 0.72 -2.96
C PHE B 265 22.21 0.89 -4.04
N ARG B 266 22.46 1.76 -4.97
CA ARG B 266 21.52 2.01 -6.04
C ARG B 266 21.39 0.79 -6.97
N ASP B 267 22.46 0.05 -7.16
CA ASP B 267 22.35 -1.24 -7.85
C ASP B 267 21.40 -2.26 -7.19
N LYS B 268 21.44 -2.29 -5.87
CA LYS B 268 20.60 -3.14 -5.08
C LYS B 268 19.10 -2.78 -5.23
N ILE B 269 18.83 -1.48 -5.29
CA ILE B 269 17.51 -0.99 -5.56
C ILE B 269 17.09 -1.49 -6.95
N ALA B 270 17.90 -1.21 -7.93
CA ALA B 270 17.58 -1.61 -9.29
C ALA B 270 17.34 -3.10 -9.47
N ALA B 271 18.08 -3.89 -8.75
CA ALA B 271 17.96 -5.31 -8.86
C ALA B 271 16.59 -5.84 -8.47
N THR B 272 15.85 -5.07 -7.70
CA THR B 272 14.54 -5.47 -7.26
C THR B 272 13.45 -5.18 -8.25
N TRP B 273 13.75 -4.42 -9.27
CA TRP B 273 12.82 -4.03 -10.32
C TRP B 273 12.83 -4.96 -11.61
N PRO B 274 11.71 -5.02 -12.32
CA PRO B 274 11.66 -5.76 -13.57
C PRO B 274 12.54 -5.13 -14.65
N GLU B 275 12.78 -5.89 -15.71
CA GLU B 275 13.69 -5.49 -16.75
C GLU B 275 12.99 -4.80 -17.90
N SER B 276 11.80 -5.29 -18.23
CA SER B 276 10.96 -4.76 -19.28
C SER B 276 9.45 -4.85 -18.94
N LEU B 277 8.69 -3.91 -19.45
CA LEU B 277 7.29 -3.78 -19.19
C LEU B 277 6.45 -4.02 -20.45
N ASP B 278 5.25 -4.51 -20.24
CA ASP B 278 4.20 -4.57 -21.24
C ASP B 278 3.38 -3.31 -21.11
N SER B 279 3.34 -2.50 -22.14
CA SER B 279 2.57 -1.28 -22.09
C SER B 279 1.27 -1.27 -22.94
N SER B 280 0.72 -2.44 -23.23
CA SER B 280 -0.54 -2.60 -23.98
C SER B 280 -1.73 -1.86 -23.45
N GLU B 281 -1.94 -1.92 -22.16
CA GLU B 281 -3.08 -1.25 -21.58
C GLU B 281 -3.09 0.25 -21.85
N ALA B 282 -1.96 0.89 -21.68
CA ALA B 282 -1.86 2.28 -21.89
C ALA B 282 -2.12 2.61 -23.36
N SER B 283 -1.57 1.80 -24.25
CA SER B 283 -1.81 1.96 -25.68
C SER B 283 -3.29 1.76 -26.02
N ASN B 284 -3.91 0.72 -25.49
CA ASN B 284 -5.30 0.46 -25.77
C ASN B 284 -6.28 1.42 -25.23
N GLU B 285 -6.10 1.78 -23.98
CA GLU B 285 -7.07 2.64 -23.36
C GLU B 285 -6.91 4.09 -23.69
N TRP B 286 -5.69 4.55 -23.89
CA TRP B 286 -5.48 5.93 -24.18
C TRP B 286 -4.42 6.23 -25.28
N GLY B 287 -4.03 5.24 -26.04
CA GLY B 287 -3.19 5.46 -27.18
C GLY B 287 -1.79 5.95 -26.94
N PHE B 288 -1.24 5.67 -25.76
CA PHE B 288 0.17 5.84 -25.48
C PHE B 288 1.02 5.31 -26.65
N SER B 289 1.99 6.11 -27.07
CA SER B 289 2.89 5.63 -28.08
C SER B 289 4.22 6.34 -27.96
N ILE B 290 5.22 5.77 -28.58
CA ILE B 290 6.58 6.25 -28.48
C ILE B 290 7.09 6.82 -29.80
N GLU B 291 7.67 7.98 -29.77
CA GLU B 291 8.29 8.53 -30.97
C GLU B 291 9.84 8.43 -31.02
N TYR B 292 10.48 8.19 -29.90
CA TYR B 292 11.92 8.16 -29.84
C TYR B 292 12.42 6.80 -29.44
N ASP B 293 12.97 6.07 -30.38
CA ASP B 293 13.60 4.82 -30.08
C ASP B 293 14.98 5.08 -29.45
N LEU B 294 15.72 4.04 -29.16
CA LEU B 294 16.96 4.20 -28.44
C LEU B 294 18.00 4.99 -29.19
N ASP B 295 18.12 4.69 -30.47
CA ASP B 295 19.10 5.38 -31.28
C ASP B 295 18.80 6.85 -31.34
N ARG B 296 17.55 7.19 -31.60
CA ARG B 296 17.18 8.56 -31.64
C ARG B 296 17.41 9.29 -30.32
N THR B 297 17.16 8.61 -29.21
CA THR B 297 17.38 9.24 -27.94
C THR B 297 18.89 9.49 -27.70
N ILE B 298 19.70 8.51 -28.01
CA ILE B 298 21.13 8.61 -27.90
C ILE B 298 21.71 9.79 -28.70
N ASP B 299 21.40 9.84 -29.99
CA ASP B 299 21.86 10.94 -30.79
C ASP B 299 21.26 12.29 -30.34
N ASP B 300 19.99 12.33 -30.02
CA ASP B 300 19.39 13.56 -29.54
C ASP B 300 20.07 14.04 -28.29
N MET B 301 20.39 13.14 -27.37
CA MET B 301 21.05 13.55 -26.14
C MET B 301 22.46 14.06 -26.37
N ILE B 302 23.25 13.33 -27.14
CA ILE B 302 24.60 13.77 -27.46
C ILE B 302 24.54 15.18 -28.12
N ASP B 303 23.63 15.33 -29.07
CA ASP B 303 23.39 16.57 -29.79
C ASP B 303 23.14 17.66 -28.78
N HIS B 304 22.08 17.57 -27.99
CA HIS B 304 21.76 18.54 -26.96
C HIS B 304 22.77 18.70 -25.82
N ILE B 305 23.52 17.68 -25.45
CA ILE B 305 24.42 17.82 -24.33
C ILE B 305 25.77 18.40 -24.72
N SER B 306 26.20 18.16 -25.95
CA SER B 306 27.46 18.74 -26.34
C SER B 306 27.22 20.22 -26.55
N GLU B 307 26.13 20.49 -27.26
CA GLU B 307 25.77 21.84 -27.60
C GLU B 307 25.46 22.72 -26.45
N LYS B 308 24.83 22.22 -25.41
CA LYS B 308 24.74 22.92 -24.15
C LYS B 308 25.98 22.76 -23.32
N LEU B 309 27.07 22.49 -23.97
CA LEU B 309 28.34 22.51 -23.28
C LEU B 309 29.26 23.35 -24.15
#